data_2C99
#
_entry.id   2C99
#
_cell.length_a   113.250
_cell.length_b   113.250
_cell.length_c   39.332
_cell.angle_alpha   90.00
_cell.angle_beta   90.00
_cell.angle_gamma   120.00
#
_symmetry.space_group_name_H-M   'P 65'
#
loop_
_entity.id
_entity.type
_entity.pdbx_description
1 polymer 'PSP OPERON TRANSCRIPTIONAL ACTIVATOR'
2 non-polymer 'PHOSPHOAMINOPHOSPHONIC ACID-ADENYLATE ESTER'
3 water water
#
_entity_poly.entity_id   1
_entity_poly.type   'polypeptide(L)'
_entity_poly.pdbx_seq_one_letter_code
;MAEYKDNLLGEANSFLEVLEQVSHLAPLDKPVLIIGERGTGKELIASRLHYLSSRWQGPFISLNCAALNENLLDSELFGH
EAGAFTGAQKRHPGRFERADGGTLFLDELATAPMMVQEKLLRVIEYGELERVGGSQPLQVNVRLVCATNADLPAMVNEGT
FRADLLDRLAFDVVQLPPLRERESDIMLMAEYFAIQMCREIKLPLFPGFTERARETLLNYRWPGNIRELKNVVERSVYRH
GTSDYPLDDIIIDPFKRRPPEDAIA
;
_entity_poly.pdbx_strand_id   A
#
# COMPACT_ATOMS: atom_id res chain seq x y z
N LEU A 8 0.29 10.71 -9.59
CA LEU A 8 0.66 10.74 -8.15
C LEU A 8 1.02 12.17 -7.76
N LEU A 9 0.39 12.66 -6.69
CA LEU A 9 0.67 14.00 -6.14
C LEU A 9 1.86 13.95 -5.19
N GLY A 10 2.62 15.02 -5.17
CA GLY A 10 3.74 15.15 -4.25
C GLY A 10 4.98 15.75 -4.89
N GLU A 11 5.59 16.67 -4.16
CA GLU A 11 6.82 17.34 -4.57
C GLU A 11 7.85 17.31 -3.44
N ALA A 12 7.49 16.74 -2.29
CA ALA A 12 8.45 16.61 -1.17
C ALA A 12 9.61 15.76 -1.66
N ASN A 13 10.83 16.19 -1.35
CA ASN A 13 12.04 15.47 -1.74
C ASN A 13 12.00 14.04 -1.27
N SER A 14 11.51 13.77 -0.08
CA SER A 14 11.39 12.37 0.38
C SER A 14 10.52 11.52 -0.56
N PHE A 15 9.41 12.08 -0.99
CA PHE A 15 8.57 11.39 -1.99
C PHE A 15 9.17 11.26 -3.36
N LEU A 16 9.80 12.32 -3.87
CA LEU A 16 10.49 12.25 -5.15
C LEU A 16 11.62 11.18 -5.12
N GLU A 17 12.34 11.07 -4.01
CA GLU A 17 13.37 10.05 -3.89
C GLU A 17 12.78 8.64 -3.98
N VAL A 18 11.62 8.40 -3.39
CA VAL A 18 10.90 7.11 -3.58
C VAL A 18 10.58 6.84 -5.02
N LEU A 19 10.03 7.81 -5.74
CA LEU A 19 9.73 7.57 -7.15
C LEU A 19 10.98 7.22 -7.95
N GLU A 20 12.10 7.88 -7.66
CA GLU A 20 13.38 7.57 -8.35
C GLU A 20 13.85 6.13 -8.04
N GLN A 21 13.79 5.76 -6.78
CA GLN A 21 14.13 4.42 -6.31
C GLN A 21 13.27 3.39 -7.02
N VAL A 22 11.95 3.64 -7.08
CA VAL A 22 11.01 2.73 -7.74
C VAL A 22 11.32 2.56 -9.24
N SER A 23 11.80 3.62 -9.89
CA SER A 23 12.09 3.55 -11.33
C SER A 23 13.28 2.63 -11.59
N HIS A 24 14.20 2.57 -10.65
CA HIS A 24 15.36 1.65 -10.74
C HIS A 24 15.05 0.21 -10.32
N LEU A 25 14.19 0.04 -9.31
CA LEU A 25 13.87 -1.26 -8.80
C LEU A 25 12.89 -2.01 -9.72
N ALA A 26 12.01 -1.27 -10.35
CA ALA A 26 10.95 -1.88 -11.13
C ALA A 26 11.43 -2.94 -12.16
N PRO A 27 12.46 -2.66 -12.96
CA PRO A 27 12.91 -3.62 -13.98
C PRO A 27 13.52 -4.92 -13.41
N LEU A 28 13.81 -4.95 -12.12
CA LEU A 28 14.41 -6.16 -11.56
C LEU A 28 13.35 -7.18 -11.26
N ASP A 29 13.71 -8.44 -11.30
CA ASP A 29 12.83 -9.53 -10.82
C ASP A 29 12.92 -9.82 -9.32
N LYS A 30 13.60 -8.96 -8.60
CA LYS A 30 13.81 -9.15 -7.19
C LYS A 30 12.63 -8.70 -6.36
N PRO A 31 12.43 -9.35 -5.24
CA PRO A 31 11.34 -8.95 -4.31
C PRO A 31 11.65 -7.56 -3.66
N VAL A 32 10.62 -6.78 -3.43
CA VAL A 32 10.72 -5.47 -2.86
C VAL A 32 9.74 -5.41 -1.65
N LEU A 33 10.23 -4.85 -0.58
CA LEU A 33 9.51 -4.59 0.64
C LEU A 33 9.20 -3.07 0.72
N ILE A 34 7.92 -2.72 0.87
CA ILE A 34 7.47 -1.35 1.08
C ILE A 34 7.02 -1.16 2.53
N ILE A 35 7.70 -0.26 3.22
CA ILE A 35 7.39 0.07 4.59
C ILE A 35 6.67 1.40 4.64
N GLY A 36 5.52 1.42 5.26
CA GLY A 36 4.82 2.68 5.42
C GLY A 36 3.51 2.52 6.15
N GLU A 37 3.02 3.63 6.67
CA GLU A 37 1.76 3.67 7.37
C GLU A 37 0.57 3.44 6.47
N ARG A 38 -0.58 3.16 7.07
CA ARG A 38 -1.79 3.07 6.25
C ARG A 38 -2.03 4.38 5.51
N GLY A 39 -2.57 4.29 4.29
CA GLY A 39 -2.89 5.46 3.52
C GLY A 39 -1.77 6.23 2.90
N THR A 40 -0.57 5.67 2.86
CA THR A 40 0.58 6.33 2.33
C THR A 40 0.85 6.06 0.90
N GLY A 41 0.10 5.15 0.32
CA GLY A 41 0.23 4.83 -1.10
C GLY A 41 1.04 3.59 -1.41
N LYS A 42 1.05 2.60 -0.50
CA LYS A 42 1.85 1.40 -0.69
C LYS A 42 1.36 0.58 -1.87
N GLU A 43 0.06 0.39 -1.98
CA GLU A 43 -0.48 -0.32 -3.13
C GLU A 43 -0.22 0.39 -4.45
N LEU A 44 -0.33 1.72 -4.45
CA LEU A 44 -0.05 2.52 -5.63
C LEU A 44 1.39 2.36 -6.06
N ILE A 45 2.32 2.28 -5.09
CA ILE A 45 3.73 2.05 -5.40
C ILE A 45 3.97 0.64 -5.94
N ALA A 46 3.33 -0.38 -5.37
CA ALA A 46 3.43 -1.75 -5.84
C ALA A 46 2.99 -1.78 -7.31
N SER A 47 1.88 -1.09 -7.59
CA SER A 47 1.34 -1.03 -8.93
C SER A 47 2.33 -0.38 -9.90
N ARG A 48 2.92 0.73 -9.47
CA ARG A 48 3.95 1.39 -10.23
C ARG A 48 5.14 0.48 -10.51
N LEU A 49 5.58 -0.34 -9.55
CA LEU A 49 6.65 -1.31 -9.76
C LEU A 49 6.26 -2.32 -10.85
N HIS A 50 5.00 -2.74 -10.89
CA HIS A 50 4.56 -3.68 -11.90
C HIS A 50 4.53 -3.03 -13.31
N TYR A 51 3.95 -1.86 -13.39
CA TYR A 51 3.74 -1.16 -14.68
C TYR A 51 5.01 -0.58 -15.29
N LEU A 52 6.03 -0.35 -14.47
CA LEU A 52 7.32 0.06 -14.97
C LEU A 52 8.28 -1.10 -15.22
N SER A 53 7.85 -2.29 -14.92
CA SER A 53 8.69 -3.48 -15.09
C SER A 53 8.42 -4.13 -16.45
N SER A 54 9.25 -5.09 -16.79
CA SER A 54 9.08 -5.86 -18.05
C SER A 54 7.87 -6.76 -18.00
N ARG A 55 7.32 -7.00 -16.81
CA ARG A 55 6.09 -7.76 -16.62
C ARG A 55 4.81 -6.98 -16.77
N TRP A 56 4.90 -5.73 -17.24
CA TRP A 56 3.76 -4.82 -17.26
C TRP A 56 2.49 -5.33 -17.92
N GLN A 57 2.61 -6.25 -18.89
CA GLN A 57 1.46 -6.81 -19.60
C GLN A 57 0.93 -8.07 -18.89
N GLY A 58 1.66 -8.54 -17.89
CA GLY A 58 1.17 -9.61 -17.05
C GLY A 58 0.23 -9.09 -15.97
N PRO A 59 -0.28 -10.00 -15.15
CA PRO A 59 -1.25 -9.65 -14.11
C PRO A 59 -0.63 -8.99 -12.91
N PHE A 60 -1.39 -8.15 -12.24
CA PHE A 60 -1.03 -7.51 -10.98
C PHE A 60 -2.13 -7.97 -10.01
N ILE A 61 -1.73 -8.80 -9.06
CA ILE A 61 -2.63 -9.45 -8.12
C ILE A 61 -2.25 -8.96 -6.73
N SER A 62 -3.25 -8.70 -5.89
CA SER A 62 -3.02 -8.20 -4.53
C SER A 62 -3.71 -9.10 -3.47
N LEU A 63 -3.22 -9.06 -2.24
CA LEU A 63 -3.85 -9.81 -1.17
C LEU A 63 -3.42 -9.21 0.16
N ASN A 64 -4.40 -9.01 1.04
CA ASN A 64 -4.19 -8.47 2.37
C ASN A 64 -4.13 -9.66 3.31
N CYS A 65 -2.93 -9.93 3.82
CA CYS A 65 -2.70 -11.03 4.70
C CYS A 65 -3.48 -10.89 6.00
N ALA A 66 -3.70 -9.65 6.45
CA ALA A 66 -4.34 -9.42 7.75
C ALA A 66 -5.82 -9.72 7.70
N ALA A 67 -6.38 -9.81 6.48
CA ALA A 67 -7.81 -9.93 6.30
C ALA A 67 -8.36 -11.36 6.47
N LEU A 68 -7.47 -12.37 6.44
CA LEU A 68 -7.87 -13.76 6.42
C LEU A 68 -7.34 -14.54 7.60
N ASN A 69 -8.12 -15.49 8.12
CA ASN A 69 -7.61 -16.44 9.11
C ASN A 69 -6.53 -17.31 8.52
N GLU A 70 -5.80 -18.01 9.40
CA GLU A 70 -4.62 -18.77 8.99
C GLU A 70 -4.89 -19.77 7.85
N ASN A 71 -5.97 -20.56 7.96
CA ASN A 71 -6.20 -21.62 6.96
C ASN A 71 -6.73 -21.04 5.67
N LEU A 72 -7.45 -19.94 5.74
CA LEU A 72 -7.96 -19.31 4.53
C LEU A 72 -6.82 -18.58 3.78
N LEU A 73 -5.91 -18.02 4.53
CA LEU A 73 -4.75 -17.31 3.94
C LEU A 73 -3.88 -18.31 3.22
N ASP A 74 -3.58 -19.44 3.86
CA ASP A 74 -2.81 -20.56 3.28
C ASP A 74 -3.39 -21.02 1.96
N SER A 75 -4.70 -21.24 1.93
CA SER A 75 -5.42 -21.65 0.73
C SER A 75 -5.51 -20.54 -0.34
N GLU A 76 -5.70 -19.30 0.07
CA GLU A 76 -5.81 -18.18 -0.87
C GLU A 76 -4.48 -17.90 -1.59
N LEU A 77 -3.39 -18.07 -0.86
CA LEU A 77 -2.07 -17.78 -1.40
C LEU A 77 -1.50 -18.92 -2.17
N PHE A 78 -1.57 -20.12 -1.60
CA PHE A 78 -0.95 -21.28 -2.21
C PHE A 78 -1.95 -22.19 -2.95
N GLY A 79 -3.23 -21.93 -2.80
CA GLY A 79 -4.27 -22.71 -3.50
C GLY A 79 -4.62 -23.97 -2.70
N HIS A 80 -5.63 -24.71 -3.16
CA HIS A 80 -5.99 -26.03 -2.58
C HIS A 80 -6.70 -26.98 -3.61
N GLU A 81 -6.66 -28.28 -3.26
CA GLU A 81 -7.20 -29.42 -4.06
C GLU A 81 -8.46 -30.18 -3.49
N ALA A 82 -9.00 -29.74 -2.34
CA ALA A 82 -10.09 -30.45 -1.60
C ALA A 82 -9.57 -31.62 -0.72
N LYS A 90 -12.57 -28.13 -10.44
CA LYS A 90 -11.92 -28.76 -9.28
C LYS A 90 -11.06 -27.78 -8.42
N ARG A 91 -9.90 -27.40 -8.97
CA ARG A 91 -8.90 -26.62 -8.27
C ARG A 91 -9.43 -25.25 -7.89
N HIS A 92 -8.92 -24.73 -6.76
CA HIS A 92 -8.99 -23.31 -6.45
C HIS A 92 -7.57 -22.81 -6.56
N PRO A 93 -7.22 -22.15 -7.66
CA PRO A 93 -5.88 -21.58 -7.81
C PRO A 93 -5.63 -20.47 -6.78
N GLY A 94 -4.43 -20.47 -6.22
CA GLY A 94 -4.05 -19.44 -5.28
C GLY A 94 -3.53 -18.22 -6.01
N ARG A 95 -3.14 -17.23 -5.22
CA ARG A 95 -2.75 -15.92 -5.74
C ARG A 95 -1.41 -16.01 -6.46
N PHE A 96 -0.50 -16.90 -6.01
CA PHE A 96 0.78 -17.14 -6.71
C PHE A 96 0.49 -17.66 -8.14
N GLU A 97 -0.39 -18.62 -8.27
CA GLU A 97 -0.79 -19.11 -9.62
C GLU A 97 -1.39 -18.07 -10.48
N ARG A 98 -2.30 -17.28 -9.95
CA ARG A 98 -2.95 -16.25 -10.72
C ARG A 98 -2.03 -15.11 -11.13
N ALA A 99 -0.94 -14.94 -10.41
CA ALA A 99 0.05 -13.92 -10.73
C ALA A 99 1.13 -14.38 -11.66
N ASP A 100 1.05 -15.61 -12.19
CA ASP A 100 2.16 -16.23 -12.90
C ASP A 100 2.45 -15.31 -14.09
N GLY A 101 3.73 -14.97 -14.28
CA GLY A 101 4.14 -14.06 -15.32
C GLY A 101 3.93 -12.62 -15.01
N GLY A 102 3.53 -12.32 -13.76
CA GLY A 102 3.18 -10.98 -13.36
C GLY A 102 3.74 -10.68 -11.98
N THR A 103 3.05 -9.83 -11.24
CA THR A 103 3.47 -9.42 -9.90
C THR A 103 2.37 -9.69 -8.85
N LEU A 104 2.79 -10.12 -7.66
CA LEU A 104 1.89 -10.34 -6.55
C LEU A 104 2.27 -9.39 -5.43
N PHE A 105 1.30 -8.60 -4.97
CA PHE A 105 1.49 -7.62 -3.90
C PHE A 105 0.82 -8.21 -2.65
N LEU A 106 1.60 -8.41 -1.60
CA LEU A 106 1.13 -8.94 -0.33
C LEU A 106 1.17 -7.86 0.72
N ASP A 107 0.00 -7.37 1.10
CA ASP A 107 -0.08 -6.28 2.06
C ASP A 107 -0.23 -6.80 3.49
N GLU A 108 0.12 -5.99 4.44
CA GLU A 108 0.15 -6.36 5.89
C GLU A 108 0.92 -7.69 6.17
N LEU A 109 2.10 -7.80 5.57
CA LEU A 109 2.89 -9.03 5.62
C LEU A 109 3.14 -9.49 7.03
N ALA A 110 3.29 -8.55 7.93
CA ALA A 110 3.69 -8.86 9.30
C ALA A 110 2.65 -9.65 10.03
N THR A 111 1.41 -9.65 9.53
CA THR A 111 0.35 -10.46 10.14
C THR A 111 0.28 -11.89 9.59
N ALA A 112 1.14 -12.25 8.64
CA ALA A 112 1.18 -13.59 8.08
C ALA A 112 1.64 -14.56 9.22
N PRO A 113 0.88 -15.61 9.47
CA PRO A 113 1.31 -16.59 10.47
C PRO A 113 2.64 -17.25 10.08
N MET A 114 3.33 -17.75 11.09
CA MET A 114 4.67 -18.34 10.87
C MET A 114 4.61 -19.46 9.88
N MET A 115 3.51 -20.23 9.85
CA MET A 115 3.37 -21.30 8.84
C MET A 115 3.34 -20.76 7.43
N VAL A 116 2.66 -19.65 7.23
CA VAL A 116 2.62 -19.04 5.91
C VAL A 116 3.97 -18.45 5.51
N GLN A 117 4.65 -17.87 6.47
CA GLN A 117 5.94 -17.24 6.21
C GLN A 117 6.94 -18.28 5.75
N GLU A 118 6.91 -19.48 6.37
CA GLU A 118 7.90 -20.53 5.98
C GLU A 118 7.63 -21.01 4.60
N LYS A 119 6.37 -21.20 4.29
CA LYS A 119 5.93 -21.62 2.95
C LYS A 119 6.22 -20.60 1.88
N LEU A 120 6.09 -19.35 2.24
CA LEU A 120 6.42 -18.24 1.34
C LEU A 120 7.92 -18.25 0.99
N LEU A 121 8.77 -18.46 1.99
CA LEU A 121 10.22 -18.48 1.78
C LEU A 121 10.55 -19.58 0.78
N ARG A 122 9.91 -20.70 0.94
CA ARG A 122 10.12 -21.84 0.04
C ARG A 122 9.75 -21.52 -1.41
N VAL A 123 8.68 -20.78 -1.57
CA VAL A 123 8.28 -20.41 -2.91
C VAL A 123 9.31 -19.47 -3.53
N ILE A 124 9.83 -18.56 -2.72
CA ILE A 124 10.80 -17.61 -3.20
C ILE A 124 12.09 -18.33 -3.49
N GLU A 125 12.50 -19.25 -2.64
CA GLU A 125 13.84 -19.88 -2.84
C GLU A 125 13.84 -20.98 -3.89
N TYR A 126 12.72 -21.67 -4.08
CA TYR A 126 12.62 -22.83 -5.00
C TYR A 126 11.74 -22.63 -6.25
N GLY A 127 11.09 -21.50 -6.38
CA GLY A 127 10.26 -21.23 -7.54
C GLY A 127 9.09 -22.14 -7.78
N GLU A 128 8.61 -22.83 -6.74
CA GLU A 128 7.45 -23.71 -6.88
C GLU A 128 6.59 -23.81 -5.65
N LEU A 129 5.34 -24.21 -5.91
CA LEU A 129 4.33 -24.50 -4.90
C LEU A 129 4.20 -26.00 -4.74
N GLU A 130 4.08 -26.50 -3.52
CA GLU A 130 3.78 -27.92 -3.32
C GLU A 130 2.30 -28.15 -3.59
N ARG A 131 1.99 -29.31 -4.21
CA ARG A 131 0.62 -29.63 -4.69
C ARG A 131 0.13 -31.01 -4.20
N VAL A 132 0.24 -31.23 -2.89
CA VAL A 132 -0.15 -32.48 -2.22
C VAL A 132 0.46 -33.71 -2.98
N GLY A 133 -0.37 -34.73 -3.24
CA GLY A 133 0.05 -35.96 -3.91
C GLY A 133 -0.91 -36.35 -5.04
N GLY A 134 -0.34 -36.86 -6.13
CA GLY A 134 -1.09 -37.07 -7.35
C GLY A 134 -0.59 -36.06 -8.35
N SER A 135 -0.90 -34.79 -8.10
CA SER A 135 -0.48 -33.68 -8.99
C SER A 135 0.96 -33.20 -8.73
N GLN A 136 1.73 -33.02 -9.80
CA GLN A 136 3.12 -32.53 -9.71
C GLN A 136 3.16 -31.10 -9.11
N PRO A 137 4.24 -30.75 -8.38
CA PRO A 137 4.39 -29.38 -7.86
C PRO A 137 4.28 -28.38 -9.00
N LEU A 138 3.71 -27.21 -8.73
CA LEU A 138 3.54 -26.17 -9.73
C LEU A 138 4.72 -25.18 -9.68
N GLN A 139 5.32 -24.93 -10.83
CA GLN A 139 6.40 -23.98 -10.92
C GLN A 139 5.73 -22.65 -11.15
N VAL A 140 6.16 -21.61 -10.43
CA VAL A 140 5.61 -20.27 -10.60
C VAL A 140 6.71 -19.23 -10.86
N ASN A 141 6.29 -18.18 -11.53
CA ASN A 141 7.17 -17.11 -12.00
C ASN A 141 6.52 -15.77 -11.70
N VAL A 142 6.78 -15.31 -10.48
CA VAL A 142 6.06 -14.17 -9.94
C VAL A 142 7.07 -13.21 -9.34
N ARG A 143 6.91 -11.93 -9.63
CA ARG A 143 7.68 -10.90 -8.99
C ARG A 143 6.88 -10.51 -7.77
N LEU A 144 7.54 -10.56 -6.61
CA LEU A 144 6.89 -10.27 -5.35
C LEU A 144 7.13 -8.89 -4.81
N VAL A 145 6.06 -8.23 -4.39
CA VAL A 145 6.17 -6.98 -3.66
C VAL A 145 5.38 -7.15 -2.38
N CYS A 146 5.94 -6.77 -1.23
CA CYS A 146 5.21 -6.86 0.02
C CYS A 146 5.22 -5.51 0.78
N ALA A 147 4.22 -5.28 1.63
CA ALA A 147 4.09 -4.06 2.44
C ALA A 147 3.74 -4.30 3.86
N THR A 148 4.15 -3.40 4.73
CA THR A 148 3.81 -3.43 6.14
C THR A 148 4.21 -2.11 6.82
N ASN A 149 3.67 -1.83 8.02
CA ASN A 149 4.18 -0.76 8.88
C ASN A 149 4.85 -1.26 10.12
N ALA A 150 5.00 -2.60 10.24
CA ALA A 150 5.70 -3.15 11.38
C ALA A 150 7.20 -2.95 11.25
N ASP A 151 7.89 -3.12 12.35
CA ASP A 151 9.34 -3.15 12.46
C ASP A 151 9.74 -4.62 12.37
N LEU A 152 9.95 -5.11 11.15
CA LEU A 152 10.22 -6.54 10.90
C LEU A 152 11.45 -7.01 11.64
N PRO A 153 12.53 -6.23 11.70
CA PRO A 153 13.68 -6.66 12.49
C PRO A 153 13.34 -6.86 13.97
N ALA A 154 12.47 -6.03 14.54
CA ALA A 154 12.06 -6.20 15.92
C ALA A 154 11.24 -7.46 16.04
N MET A 155 10.39 -7.74 15.05
CA MET A 155 9.59 -8.96 15.15
C MET A 155 10.44 -10.19 15.02
N VAL A 156 11.52 -10.10 14.24
CA VAL A 156 12.39 -11.22 14.11
C VAL A 156 12.98 -11.51 15.51
N ASN A 157 13.38 -10.48 16.21
CA ASN A 157 13.93 -10.65 17.56
C ASN A 157 12.94 -11.28 18.53
N GLU A 158 11.69 -10.86 18.41
CA GLU A 158 10.60 -11.37 19.23
C GLU A 158 10.14 -12.75 18.83
N GLY A 159 10.64 -13.30 17.72
CA GLY A 159 10.20 -14.62 17.31
C GLY A 159 8.86 -14.67 16.60
N THR A 160 8.37 -13.54 16.07
CA THR A 160 7.08 -13.48 15.40
C THR A 160 7.22 -13.23 13.88
N PHE A 161 8.44 -13.04 13.39
CA PHE A 161 8.71 -13.03 11.99
C PHE A 161 9.99 -13.83 11.73
N ARG A 162 9.99 -14.61 10.67
CA ARG A 162 11.11 -15.48 10.36
C ARG A 162 12.33 -14.68 9.87
N ALA A 163 13.43 -14.85 10.55
CA ALA A 163 14.68 -14.22 10.11
C ALA A 163 15.03 -14.65 8.71
N ASP A 164 14.88 -15.94 8.40
CA ASP A 164 15.27 -16.45 7.07
C ASP A 164 14.49 -15.82 5.98
N LEU A 165 13.18 -15.66 6.18
CA LEU A 165 12.34 -15.01 5.18
C LEU A 165 12.75 -13.59 4.97
N LEU A 166 13.09 -12.89 6.03
CA LEU A 166 13.42 -11.45 5.91
C LEU A 166 14.80 -11.32 5.24
N ASP A 167 15.73 -12.24 5.56
CA ASP A 167 17.11 -12.27 4.95
C ASP A 167 16.98 -12.38 3.45
N ARG A 168 15.90 -12.94 2.93
CA ARG A 168 15.74 -13.16 1.49
C ARG A 168 14.73 -12.28 0.83
N LEU A 169 13.66 -11.97 1.55
CA LEU A 169 12.64 -11.14 1.02
C LEU A 169 13.00 -9.65 0.84
N ALA A 170 13.70 -9.05 1.79
CA ALA A 170 14.02 -7.65 1.74
C ALA A 170 15.29 -7.45 0.86
N PHE A 171 15.18 -7.70 -0.43
CA PHE A 171 16.28 -7.41 -1.39
C PHE A 171 16.56 -5.96 -1.33
N ASP A 172 15.49 -5.14 -1.37
CA ASP A 172 15.56 -3.75 -1.06
C ASP A 172 14.26 -3.27 -0.48
N VAL A 173 14.33 -2.09 0.14
CA VAL A 173 13.28 -1.56 0.95
C VAL A 173 12.95 -0.14 0.49
N VAL A 174 11.65 0.07 0.22
CA VAL A 174 11.11 1.38 -0.14
C VAL A 174 10.37 1.91 1.10
N GLN A 175 10.83 3.04 1.63
CA GLN A 175 10.25 3.61 2.82
C GLN A 175 9.37 4.80 2.43
N LEU A 176 8.06 4.64 2.50
CA LEU A 176 7.15 5.69 2.11
C LEU A 176 6.96 6.61 3.30
N PRO A 177 7.25 7.88 3.13
CA PRO A 177 7.10 8.84 4.21
C PRO A 177 5.63 9.13 4.57
N PRO A 178 5.29 9.24 5.86
CA PRO A 178 3.93 9.59 6.24
C PRO A 178 3.75 11.05 5.91
N LEU A 179 2.49 11.42 5.70
CA LEU A 179 2.12 12.77 5.30
C LEU A 179 2.71 13.86 6.22
N ARG A 180 2.77 13.57 7.50
CA ARG A 180 3.30 14.53 8.49
C ARG A 180 4.80 14.84 8.28
N GLU A 181 5.52 13.95 7.58
CA GLU A 181 6.91 14.16 7.17
C GLU A 181 7.10 14.65 5.77
N ARG A 182 6.00 14.95 5.05
CA ARG A 182 5.95 15.54 3.72
C ARG A 182 5.13 16.83 3.92
N GLU A 183 5.42 17.60 4.99
CA GLU A 183 4.49 18.69 5.39
C GLU A 183 4.18 19.65 4.24
N SER A 184 5.13 19.84 3.33
CA SER A 184 4.89 20.58 2.10
C SER A 184 3.77 20.02 1.18
N ASP A 185 3.51 18.73 1.25
CA ASP A 185 2.56 18.12 0.36
C ASP A 185 1.14 18.16 0.91
N ILE A 186 0.98 18.34 2.23
CA ILE A 186 -0.36 18.45 2.86
C ILE A 186 -1.23 19.50 2.16
N MET A 187 -0.73 20.71 1.97
CA MET A 187 -1.56 21.76 1.40
C MET A 187 -1.75 21.55 -0.08
N LEU A 188 -0.73 21.03 -0.75
CA LEU A 188 -0.84 20.70 -2.17
C LEU A 188 -1.95 19.67 -2.46
N MET A 189 -1.95 18.60 -1.69
CA MET A 189 -2.93 17.58 -1.85
C MET A 189 -4.31 18.04 -1.35
N ALA A 190 -4.37 18.78 -0.27
CA ALA A 190 -5.63 19.30 0.26
C ALA A 190 -6.32 20.16 -0.76
N GLU A 191 -5.53 20.99 -1.45
CA GLU A 191 -6.08 21.86 -2.49
C GLU A 191 -6.63 21.01 -3.61
N TYR A 192 -5.86 20.04 -4.05
CA TYR A 192 -6.29 19.14 -5.14
C TYR A 192 -7.58 18.41 -4.83
N PHE A 193 -7.68 17.84 -3.65
CA PHE A 193 -8.88 17.14 -3.21
C PHE A 193 -10.05 18.03 -2.99
N ALA A 194 -9.84 19.26 -2.54
CA ALA A 194 -10.93 20.25 -2.36
C ALA A 194 -11.50 20.63 -3.72
N ILE A 195 -10.65 20.87 -4.71
CA ILE A 195 -11.10 21.24 -6.06
C ILE A 195 -11.94 20.12 -6.65
N GLN A 196 -11.50 18.88 -6.53
CA GLN A 196 -12.25 17.74 -7.04
C GLN A 196 -13.59 17.65 -6.38
N MET A 197 -13.67 17.91 -5.08
CA MET A 197 -14.96 17.88 -4.36
C MET A 197 -15.84 19.05 -4.79
N CYS A 198 -15.22 20.21 -5.12
CA CYS A 198 -15.99 21.31 -5.65
C CYS A 198 -16.67 20.87 -6.93
N ARG A 199 -15.93 20.20 -7.81
CA ARG A 199 -16.57 19.74 -9.06
C ARG A 199 -17.73 18.79 -8.78
N GLU A 200 -17.53 17.91 -7.79
CA GLU A 200 -18.53 16.89 -7.52
C GLU A 200 -19.84 17.50 -7.01
N ILE A 201 -19.77 18.56 -6.24
CA ILE A 201 -20.95 19.23 -5.75
C ILE A 201 -21.28 20.52 -6.47
N LYS A 202 -20.63 20.76 -7.59
CA LYS A 202 -20.95 21.84 -8.53
C LYS A 202 -20.74 23.24 -8.01
N LEU A 203 -19.75 23.44 -7.14
CA LEU A 203 -19.33 24.77 -6.75
C LEU A 203 -18.46 25.38 -7.86
N PRO A 204 -18.69 26.65 -8.19
CA PRO A 204 -17.96 27.28 -9.29
C PRO A 204 -16.43 27.40 -9.12
N LEU A 205 -15.96 27.54 -7.90
CA LEU A 205 -14.57 27.76 -7.57
C LEU A 205 -14.29 27.30 -6.15
N PHE A 206 -13.15 26.70 -5.95
CA PHE A 206 -12.73 26.43 -4.58
C PHE A 206 -12.29 27.76 -3.95
N PRO A 207 -12.93 28.21 -2.88
CA PRO A 207 -12.61 29.56 -2.38
C PRO A 207 -11.38 29.68 -1.50
N GLY A 208 -10.58 28.62 -1.34
CA GLY A 208 -9.36 28.73 -0.55
C GLY A 208 -9.52 28.23 0.86
N PHE A 209 -8.40 28.14 1.56
CA PHE A 209 -8.38 27.73 2.96
C PHE A 209 -7.91 28.94 3.78
N THR A 210 -8.63 29.23 4.86
CA THR A 210 -8.21 30.28 5.77
C THR A 210 -6.93 29.85 6.50
N GLU A 211 -6.27 30.81 7.15
CA GLU A 211 -5.09 30.43 7.94
C GLU A 211 -5.47 29.44 9.08
N ARG A 212 -6.65 29.61 9.67
CA ARG A 212 -7.09 28.67 10.72
C ARG A 212 -7.18 27.24 10.13
N ALA A 213 -7.75 27.16 8.95
CA ALA A 213 -7.93 25.85 8.35
C ALA A 213 -6.55 25.24 8.04
N ARG A 214 -5.66 26.06 7.50
CA ARG A 214 -4.30 25.62 7.22
C ARG A 214 -3.58 25.14 8.46
N GLU A 215 -3.73 25.86 9.57
CA GLU A 215 -3.14 25.44 10.85
C GLU A 215 -3.66 24.10 11.26
N THR A 216 -4.99 23.91 11.17
CA THR A 216 -5.64 22.63 11.50
C THR A 216 -5.07 21.50 10.68
N LEU A 217 -5.04 21.70 9.36
CA LEU A 217 -4.45 20.74 8.45
C LEU A 217 -3.00 20.37 8.75
N LEU A 218 -2.16 21.36 9.00
CA LEU A 218 -0.75 21.10 9.10
C LEU A 218 -0.34 20.61 10.47
N ASN A 219 -1.15 20.88 11.47
CA ASN A 219 -0.81 20.52 12.85
C ASN A 219 -1.31 19.11 13.14
N TYR A 220 -2.26 18.60 12.37
CA TYR A 220 -2.75 17.24 12.65
C TYR A 220 -1.75 16.19 12.13
N ARG A 221 -1.68 15.06 12.81
CA ARG A 221 -0.65 14.10 12.50
C ARG A 221 -1.03 13.12 11.41
N TRP A 222 -2.30 13.13 10.95
CA TRP A 222 -2.75 12.27 9.84
C TRP A 222 -2.41 10.79 10.01
N PRO A 223 -2.91 10.15 11.04
CA PRO A 223 -2.64 8.72 11.22
C PRO A 223 -3.13 7.89 10.06
N GLY A 224 -4.10 8.41 9.33
CA GLY A 224 -4.63 7.73 8.16
C GLY A 224 -4.02 8.26 6.85
N ASN A 225 -3.09 9.18 6.96
CA ASN A 225 -2.36 9.77 5.83
C ASN A 225 -3.24 10.24 4.69
N ILE A 226 -2.93 9.83 3.46
CA ILE A 226 -3.59 10.42 2.31
C ILE A 226 -5.03 10.00 2.18
N ARG A 227 -5.38 8.78 2.57
CA ARG A 227 -6.78 8.37 2.55
C ARG A 227 -7.63 9.24 3.47
N GLU A 228 -7.11 9.50 4.65
CA GLU A 228 -7.77 10.34 5.67
C GLU A 228 -7.81 11.81 5.26
N LEU A 229 -6.75 12.30 4.64
CA LEU A 229 -6.75 13.68 4.18
C LEU A 229 -7.84 13.90 3.15
N LYS A 230 -7.93 13.02 2.18
CA LYS A 230 -8.94 13.18 1.13
C LYS A 230 -10.37 13.19 1.75
N ASN A 231 -10.63 12.27 2.68
CA ASN A 231 -11.94 12.23 3.29
C ASN A 231 -12.23 13.48 4.08
N VAL A 232 -11.28 13.89 4.93
CA VAL A 232 -11.46 15.06 5.73
C VAL A 232 -11.75 16.27 4.86
N VAL A 233 -10.98 16.43 3.82
CA VAL A 233 -11.12 17.61 2.94
C VAL A 233 -12.46 17.62 2.18
N GLU A 234 -12.85 16.46 1.64
CA GLU A 234 -14.16 16.32 1.00
C GLU A 234 -15.32 16.68 1.91
N ARG A 235 -15.33 16.12 3.10
CA ARG A 235 -16.36 16.42 4.07
C ARG A 235 -16.36 17.87 4.44
N SER A 236 -15.19 18.43 4.63
CA SER A 236 -15.07 19.84 4.95
C SER A 236 -15.55 20.83 3.85
N VAL A 237 -15.29 20.55 2.58
CA VAL A 237 -15.81 21.33 1.45
C VAL A 237 -17.34 21.20 1.43
N TYR A 238 -17.85 19.98 1.59
CA TYR A 238 -19.28 19.74 1.55
C TYR A 238 -20.01 20.49 2.65
N ARG A 239 -19.49 20.45 3.88
CA ARG A 239 -20.15 21.13 5.02
C ARG A 239 -20.09 22.66 4.85
N HIS A 240 -19.00 23.15 4.28
CA HIS A 240 -18.84 24.55 3.93
C HIS A 240 -19.84 24.96 2.89
N GLY A 241 -19.83 24.29 1.75
CA GLY A 241 -20.92 24.39 0.79
C GLY A 241 -21.07 25.66 0.01
N THR A 242 -20.06 26.53 -0.02
CA THR A 242 -20.13 27.77 -0.77
C THR A 242 -18.80 28.20 -1.33
N SER A 243 -18.85 28.96 -2.43
CA SER A 243 -17.68 29.59 -3.02
C SER A 243 -17.58 31.07 -2.59
N ASP A 244 -18.56 31.54 -1.83
CA ASP A 244 -18.63 32.96 -1.44
C ASP A 244 -17.56 33.38 -0.43
N TYR A 245 -17.05 32.43 0.32
CA TYR A 245 -15.99 32.76 1.26
C TYR A 245 -15.13 31.54 1.57
N PRO A 246 -13.92 31.81 2.06
CA PRO A 246 -12.92 30.74 2.22
C PRO A 246 -13.32 29.68 3.24
N LEU A 247 -12.91 28.44 3.00
CA LEU A 247 -13.14 27.32 3.93
C LEU A 247 -12.30 27.50 5.20
N ASP A 248 -12.95 27.58 6.33
CA ASP A 248 -12.38 27.89 7.64
C ASP A 248 -12.42 26.66 8.58
N ASP A 249 -13.46 25.85 8.50
CA ASP A 249 -13.71 24.73 9.43
C ASP A 249 -13.33 23.37 8.80
N ILE A 250 -12.18 22.85 9.21
CA ILE A 250 -11.73 21.54 8.77
C ILE A 250 -12.31 20.55 9.73
N ILE A 251 -13.11 19.61 9.25
CA ILE A 251 -13.80 18.64 10.13
C ILE A 251 -13.03 17.32 10.18
N ILE A 252 -12.04 17.24 11.07
CA ILE A 252 -11.22 16.07 11.21
C ILE A 252 -12.05 14.88 11.72
N ASP A 253 -12.91 15.13 12.72
CA ASP A 253 -13.60 14.06 13.42
C ASP A 253 -15.08 14.21 13.23
N PRO A 254 -15.71 13.44 12.35
CA PRO A 254 -17.15 13.65 12.12
C PRO A 254 -18.01 13.09 13.25
N PHE A 255 -17.42 12.39 14.19
CA PHE A 255 -18.17 11.82 15.33
C PHE A 255 -18.49 12.73 16.51
N LYS A 256 -17.90 13.92 16.58
CA LYS A 256 -18.25 14.84 17.68
C LYS A 256 -19.39 15.76 17.18
N ARG A 257 -19.33 16.01 15.89
CA ARG A 257 -20.33 16.70 15.13
C ARG A 257 -19.86 16.59 13.66
N ARG A 258 -18.62 16.74 13.38
#